data_1DFG
#
_entry.id   1DFG
#
_cell.length_a   80.600
_cell.length_b   80.600
_cell.length_c   325.300
_cell.angle_alpha   90.00
_cell.angle_beta   90.00
_cell.angle_gamma   120.00
#
_symmetry.space_group_name_H-M   'P 61 2 2'
#
loop_
_entity.id
_entity.type
_entity.pdbx_description
1 polymer 'ENOYL ACYL CARRIER PROTEIN REDUCTASE'
2 non-polymer NICOTINAMIDE-ADENINE-DINUCLEOTIDE
3 non-polymer 2-(TOLUENE-4-SULFONYL)-2H-BENZO[D][1,2,3]DIAZABORININ-1-OL
#
_entity_poly.entity_id   1
_entity_poly.type   'polypeptide(L)'
_entity_poly.pdbx_seq_one_letter_code
;GFLSGKRILVTGVASKLSIAYGIAQAMHREGAELAFTYQNDKLKGRVEEFAAQLGSDIVLQCDVAEDASIDTMFAELGKV
WPKFDGFVHSIGFAPGDQLDGDYVNAVTREGFKIAHDISSYSFVAMAKACRSMLNPGSALLTLSYLGAERAIPNYNVMGL
AKASLEANVRYMANAMGPEGVRVNAISAGPIRTLAASGIKDFRKMLAHCEAVTPIRRTVTIEDVGNSAAFLCSDLSAGIS
GEVVHVDGGFSIAAMNELELK
;
_entity_poly.pdbx_strand_id   A,B
#
loop_
_chem_comp.id
_chem_comp.type
_chem_comp.name
_chem_comp.formula
NAD non-polymer NICOTINAMIDE-ADENINE-DINUCLEOTIDE 'C21 H27 N7 O14 P2'
NDT non-polymer 2-(TOLUENE-4-SULFONYL)-2H-BENZO[D][1,2,3]DIAZABORININ-1-OL 'C14 H13 B N2 O3 S'
#
# COMPACT_ATOMS: atom_id res chain seq x y z
N GLY A 1 13.87 33.78 -7.22
CA GLY A 1 13.75 32.33 -7.16
C GLY A 1 12.30 31.95 -7.38
N PHE A 2 12.05 30.84 -8.05
CA PHE A 2 10.67 30.48 -8.32
C PHE A 2 9.94 30.02 -7.06
N LEU A 3 10.66 30.04 -5.94
CA LEU A 3 10.05 29.65 -4.67
C LEU A 3 9.87 30.86 -3.76
N SER A 4 10.27 32.02 -4.27
CA SER A 4 10.21 33.25 -3.50
C SER A 4 8.83 33.49 -2.96
N GLY A 5 8.76 33.75 -1.65
CA GLY A 5 7.49 34.05 -0.97
C GLY A 5 6.80 32.82 -0.41
N LYS A 6 7.55 31.73 -0.32
CA LYS A 6 7.00 30.50 0.19
C LYS A 6 7.70 30.16 1.46
N ARG A 7 6.93 29.61 2.39
CA ARG A 7 7.43 29.12 3.67
C ARG A 7 7.15 27.65 3.58
N ILE A 8 8.21 26.84 3.54
CA ILE A 8 8.04 25.38 3.42
C ILE A 8 8.69 24.65 4.60
N LEU A 9 8.02 23.62 5.12
CA LEU A 9 8.57 22.88 6.25
C LEU A 9 9.27 21.61 5.77
N VAL A 10 10.72 21.46 6.39
CA VAL A 10 11.36 20.27 5.80
C VAL A 10 11.65 19.25 6.89
N THR A 11 11.26 18.05 6.54
CA THR A 11 11.31 16.87 7.40
C THR A 11 12.45 15.93 6.93
N GLY A 12 12.89 15.10 7.87
CA GLY A 12 13.94 14.07 7.66
C GLY A 12 15.25 14.69 7.14
N VAL A 13 15.91 15.71 7.66
CA VAL A 13 17.32 15.99 7.43
C VAL A 13 18.07 15.28 8.56
N ALA A 14 19.09 14.51 8.21
CA ALA A 14 19.89 13.80 9.19
C ALA A 14 21.39 13.86 8.90
N SER A 15 21.75 14.29 7.67
CA SER A 15 23.16 14.47 7.21
C SER A 15 23.22 15.33 5.94
N LYS A 16 24.45 15.66 5.48
CA LYS A 16 24.70 16.50 4.25
C LYS A 16 24.39 15.64 3.01
N LEU A 17 24.21 14.36 3.29
CA LEU A 17 23.98 13.34 2.29
C LEU A 17 22.52 12.94 2.22
N SER A 18 21.73 13.42 3.17
CA SER A 18 20.27 13.10 3.21
C SER A 18 19.53 13.80 2.02
N ILE A 19 18.56 13.11 1.42
CA ILE A 19 17.77 13.64 0.30
C ILE A 19 17.07 14.97 0.67
N ALA A 20 16.64 15.06 1.92
CA ALA A 20 15.99 16.27 2.46
C ALA A 20 16.97 17.44 2.47
N TYR A 21 18.25 17.15 2.76
CA TYR A 21 19.27 18.21 2.71
C TYR A 21 19.30 18.82 1.28
N GLY A 22 19.37 17.95 0.30
CA GLY A 22 19.36 18.36 -1.09
C GLY A 22 18.06 19.08 -1.48
N ILE A 23 16.93 18.65 -0.94
CA ILE A 23 15.71 19.34 -1.28
C ILE A 23 15.76 20.74 -0.67
N ALA A 24 16.20 20.81 0.59
CA ALA A 24 16.35 22.08 1.30
C ALA A 24 17.24 23.08 0.52
N GLN A 25 18.47 22.67 0.23
CA GLN A 25 19.43 23.48 -0.53
C GLN A 25 18.80 24.11 -1.79
N ALA A 26 18.11 23.29 -2.58
CA ALA A 26 17.47 23.77 -3.82
C ALA A 26 16.38 24.75 -3.53
N MET A 27 15.53 24.41 -2.56
CA MET A 27 14.43 25.26 -2.23
C MET A 27 14.94 26.58 -1.75
N HIS A 28 15.94 26.53 -0.90
CA HIS A 28 16.50 27.76 -0.40
C HIS A 28 17.05 28.58 -1.56
N ARG A 29 17.84 27.93 -2.41
CA ARG A 29 18.39 28.63 -3.57
C ARG A 29 17.31 29.28 -4.43
N GLU A 30 16.14 28.66 -4.52
CA GLU A 30 15.05 29.23 -5.32
C GLU A 30 14.18 30.23 -4.56
N GLY A 31 14.66 30.62 -3.38
CA GLY A 31 13.98 31.67 -2.58
C GLY A 31 12.97 31.31 -1.48
N ALA A 32 12.95 30.06 -1.05
CA ALA A 32 12.00 29.67 -0.04
C ALA A 32 12.49 29.90 1.38
N GLU A 33 11.55 30.17 2.28
CA GLU A 33 11.87 30.31 3.69
C GLU A 33 11.64 28.94 4.26
N LEU A 34 12.65 28.44 4.95
CA LEU A 34 12.60 27.10 5.50
C LEU A 34 12.55 26.99 7.01
N ALA A 35 12.05 25.82 7.43
CA ALA A 35 11.90 25.43 8.83
C ALA A 35 12.24 23.99 8.83
N PHE A 36 12.75 23.54 9.95
CA PHE A 36 13.13 22.17 10.04
C PHE A 36 12.66 21.52 11.29
N THR A 37 12.53 20.22 11.22
CA THR A 37 12.17 19.42 12.37
C THR A 37 13.23 18.36 12.46
N TYR A 38 13.43 17.82 13.66
CA TYR A 38 14.32 16.69 13.86
C TYR A 38 13.62 15.62 14.69
N GLN A 39 14.08 14.40 14.52
CA GLN A 39 13.43 13.30 15.20
C GLN A 39 13.71 13.18 16.67
N ASN A 40 14.95 13.33 17.08
CA ASN A 40 15.24 13.15 18.47
C ASN A 40 16.46 13.93 18.86
N ASP A 41 16.73 13.98 20.15
CA ASP A 41 17.83 14.76 20.67
C ASP A 41 19.12 14.53 19.93
N LYS A 42 19.41 13.28 19.60
CA LYS A 42 20.67 13.01 18.91
C LYS A 42 20.90 13.74 17.56
N LEU A 43 19.88 14.35 17.01
CA LEU A 43 20.07 14.97 15.72
C LEU A 43 19.89 16.45 15.84
N LYS A 44 19.51 16.90 17.02
CA LYS A 44 19.25 18.31 17.24
C LYS A 44 20.27 19.28 16.69
N GLY A 45 21.53 19.16 17.13
CA GLY A 45 22.61 20.08 16.73
C GLY A 45 22.92 20.07 15.24
N ARG A 46 23.01 18.87 14.69
CA ARG A 46 23.28 18.69 13.27
C ARG A 46 22.30 19.54 12.47
N VAL A 47 21.03 19.22 12.64
CA VAL A 47 19.97 19.92 11.94
C VAL A 47 20.01 21.40 12.27
N GLU A 48 20.31 21.72 13.52
CA GLU A 48 20.38 23.09 13.92
C GLU A 48 21.46 23.79 13.11
N GLU A 49 22.56 23.08 12.88
CA GLU A 49 23.66 23.61 12.08
C GLU A 49 23.31 23.77 10.58
N PHE A 50 22.74 22.76 9.97
CA PHE A 50 22.35 22.88 8.57
C PHE A 50 21.42 24.06 8.37
N ALA A 51 20.42 24.10 9.22
CA ALA A 51 19.44 25.15 9.18
C ALA A 51 20.17 26.48 9.13
N ALA A 52 21.17 26.62 10.00
CA ALA A 52 21.92 27.87 10.06
C ALA A 52 22.41 28.18 8.69
N GLN A 53 23.01 27.20 8.08
CA GLN A 53 23.59 27.43 6.75
C GLN A 53 22.48 27.80 5.76
N LEU A 54 21.28 27.36 6.05
CA LEU A 54 20.17 27.54 5.11
C LEU A 54 19.36 28.77 5.49
N GLY A 55 19.98 29.57 6.34
CA GLY A 55 19.41 30.83 6.83
C GLY A 55 18.10 30.58 7.57
N SER A 56 18.09 29.57 8.42
CA SER A 56 16.95 29.39 9.30
C SER A 56 17.28 29.09 10.76
N ASP A 57 16.35 29.50 11.63
CA ASP A 57 16.46 29.26 13.06
C ASP A 57 15.15 28.64 13.57
N ILE A 58 14.38 28.08 12.65
CA ILE A 58 13.16 27.38 13.00
C ILE A 58 13.45 25.91 12.94
N VAL A 59 13.72 25.36 14.11
CA VAL A 59 14.10 23.99 14.25
C VAL A 59 13.38 23.34 15.41
N LEU A 60 12.45 22.44 15.08
CA LEU A 60 11.64 21.76 16.05
C LEU A 60 11.78 20.25 16.02
N GLN A 61 11.47 19.62 17.14
CA GLN A 61 11.47 18.21 17.21
C GLN A 61 10.14 17.68 16.75
N CYS A 62 10.17 16.50 16.18
CA CYS A 62 8.96 15.85 15.75
C CYS A 62 9.19 14.40 15.52
N ASP A 63 8.55 13.57 16.32
CA ASP A 63 8.62 12.16 16.09
C ASP A 63 7.25 11.76 15.63
N VAL A 64 7.19 11.36 14.37
CA VAL A 64 5.94 11.02 13.74
C VAL A 64 5.26 9.80 14.30
N ALA A 65 5.93 9.12 15.23
CA ALA A 65 5.34 7.93 15.84
C ALA A 65 4.25 8.33 16.80
N GLU A 66 4.36 9.56 17.34
CA GLU A 66 3.43 10.12 18.33
C GLU A 66 2.55 11.23 17.79
N ASP A 67 1.23 11.10 17.94
CA ASP A 67 0.33 12.17 17.48
C ASP A 67 0.60 13.47 18.24
N ALA A 68 0.89 13.32 19.54
CA ALA A 68 1.12 14.48 20.37
C ALA A 68 2.35 15.22 19.89
N SER A 69 3.36 14.48 19.48
CA SER A 69 4.56 15.09 18.96
C SER A 69 4.24 15.98 17.74
N ILE A 70 3.40 15.45 16.86
CA ILE A 70 3.06 16.22 15.69
C ILE A 70 2.23 17.42 16.09
N ASP A 71 1.25 17.21 16.96
CA ASP A 71 0.40 18.32 17.37
C ASP A 71 1.22 19.43 17.93
N THR A 72 2.20 19.06 18.72
CA THR A 72 3.02 20.05 19.38
C THR A 72 3.94 20.77 18.43
N MET A 73 4.55 20.03 17.51
CA MET A 73 5.47 20.66 16.60
C MET A 73 4.75 21.77 15.88
N PHE A 74 3.57 21.45 15.34
CA PHE A 74 2.77 22.46 14.63
C PHE A 74 2.30 23.58 15.55
N ALA A 75 1.99 23.24 16.79
CA ALA A 75 1.60 24.25 17.76
C ALA A 75 2.74 25.27 17.87
N GLU A 76 3.97 24.77 17.95
CA GLU A 76 5.13 25.64 18.06
C GLU A 76 5.40 26.37 16.77
N LEU A 77 5.36 25.64 15.65
CA LEU A 77 5.64 26.22 14.34
C LEU A 77 4.72 27.41 14.09
N GLY A 78 3.48 27.27 14.51
CA GLY A 78 2.51 28.30 14.33
C GLY A 78 2.76 29.58 15.16
N LYS A 79 3.69 29.54 16.10
CA LYS A 79 3.94 30.74 16.87
C LYS A 79 4.67 31.73 15.95
N VAL A 80 5.35 31.18 14.96
CA VAL A 80 6.11 32.00 14.03
C VAL A 80 5.55 31.98 12.60
N TRP A 81 4.96 30.85 12.19
CA TRP A 81 4.35 30.72 10.86
C TRP A 81 2.91 30.25 11.07
N PRO A 82 2.00 31.20 11.21
CA PRO A 82 0.61 30.89 11.48
C PRO A 82 0.03 30.28 10.24
N LYS A 83 0.66 30.61 9.12
CA LYS A 83 0.27 30.06 7.85
C LYS A 83 1.49 29.81 7.09
N PHE A 84 1.52 28.72 6.33
CA PHE A 84 2.67 28.39 5.52
C PHE A 84 2.25 27.69 4.26
N ASP A 85 3.31 27.06 3.56
CA ASP A 85 2.87 26.79 2.18
C ASP A 85 3.15 25.36 1.78
N GLY A 86 3.46 24.51 2.74
CA GLY A 86 3.76 23.13 2.38
C GLY A 86 4.95 22.60 3.15
N PHE A 87 4.85 21.31 3.36
CA PHE A 87 5.84 20.52 4.09
C PHE A 87 6.27 19.32 3.25
N VAL A 88 7.58 19.12 3.28
CA VAL A 88 8.25 18.03 2.57
C VAL A 88 8.50 16.87 3.54
N HIS A 89 7.92 15.76 3.18
CA HIS A 89 7.96 14.51 3.98
C HIS A 89 8.94 13.53 3.34
N SER A 90 10.08 13.43 4.00
CA SER A 90 11.20 12.56 3.61
C SER A 90 11.54 11.65 4.78
N ILE A 91 10.55 10.86 5.14
CA ILE A 91 10.65 10.00 6.34
C ILE A 91 10.21 8.59 6.04
N GLY A 92 10.79 7.68 6.77
CA GLY A 92 10.51 6.27 6.60
C GLY A 92 11.41 5.47 7.51
N PHE A 93 10.89 4.36 7.96
CA PHE A 93 11.62 3.48 8.85
C PHE A 93 11.00 2.08 8.87
N ALA A 94 11.87 1.04 8.72
CA ALA A 94 11.45 -0.37 8.98
C ALA A 94 12.39 -1.01 10.04
N PRO A 95 12.24 -1.95 10.97
CA PRO A 95 13.30 -2.61 11.71
C PRO A 95 14.12 -3.43 10.71
N GLY A 96 15.43 -3.30 10.87
CA GLY A 96 16.39 -3.95 9.99
C GLY A 96 16.10 -5.42 9.69
N ASP A 97 15.75 -6.18 10.71
CA ASP A 97 15.46 -7.61 10.54
C ASP A 97 14.54 -7.79 9.36
N GLN A 98 13.75 -6.78 9.08
CA GLN A 98 12.79 -6.88 8.03
C GLN A 98 13.41 -6.81 6.66
N LEU A 99 14.55 -6.16 6.54
CA LEU A 99 15.07 -5.94 5.19
C LEU A 99 16.07 -6.91 4.62
N ASP A 100 16.20 -8.06 5.22
CA ASP A 100 17.15 -8.96 4.66
C ASP A 100 16.59 -10.35 4.53
N GLY A 101 16.61 -10.87 3.31
CA GLY A 101 16.19 -12.23 3.07
C GLY A 101 14.81 -12.40 2.45
N ASP A 102 14.31 -13.63 2.52
CA ASP A 102 13.01 -14.02 2.01
C ASP A 102 11.91 -13.22 2.70
N TYR A 103 11.20 -12.45 1.92
CA TYR A 103 10.16 -11.55 2.40
C TYR A 103 9.24 -12.31 3.31
N VAL A 104 8.65 -13.35 2.76
CA VAL A 104 7.72 -14.19 3.51
C VAL A 104 8.31 -14.66 4.82
N ASN A 105 9.59 -14.99 4.85
CA ASN A 105 10.15 -15.42 6.12
C ASN A 105 10.40 -14.21 7.01
N ALA A 106 11.09 -13.24 6.46
CA ALA A 106 11.42 -12.05 7.21
C ALA A 106 10.23 -11.33 7.83
N VAL A 107 9.17 -11.18 7.06
CA VAL A 107 8.03 -10.44 7.54
C VAL A 107 7.44 -10.88 8.86
N THR A 108 6.87 -9.91 9.59
CA THR A 108 6.22 -10.13 10.87
C THR A 108 5.20 -9.01 11.14
N ARG A 109 4.11 -9.39 11.82
CA ARG A 109 3.04 -8.46 12.14
C ARG A 109 3.51 -7.10 12.58
N GLU A 110 4.44 -7.08 13.53
CA GLU A 110 4.92 -5.85 14.09
C GLU A 110 5.76 -5.08 13.09
N GLY A 111 6.61 -5.81 12.39
CA GLY A 111 7.49 -5.19 11.41
C GLY A 111 6.65 -4.44 10.40
N PHE A 112 5.60 -5.11 9.93
CA PHE A 112 4.66 -4.60 8.93
C PHE A 112 3.98 -3.31 9.47
N LYS A 113 3.54 -3.41 10.70
CA LYS A 113 2.91 -2.34 11.39
C LYS A 113 3.75 -1.11 11.38
N ILE A 114 4.92 -1.26 11.95
CA ILE A 114 5.83 -0.16 12.09
C ILE A 114 6.19 0.49 10.77
N ALA A 115 6.51 -0.35 9.79
CA ALA A 115 6.90 0.12 8.48
C ALA A 115 5.86 1.05 7.86
N HIS A 116 4.61 0.61 7.90
CA HIS A 116 3.53 1.40 7.33
C HIS A 116 3.17 2.60 8.18
N ASP A 117 3.29 2.45 9.48
CA ASP A 117 2.90 3.52 10.33
C ASP A 117 3.80 4.67 10.10
N ILE A 118 5.08 4.42 10.24
CA ILE A 118 6.06 5.44 10.06
C ILE A 118 6.21 5.93 8.64
N SER A 119 6.27 5.01 7.70
CA SER A 119 6.54 5.36 6.31
C SER A 119 5.35 5.82 5.50
N SER A 120 4.15 5.47 5.96
CA SER A 120 2.93 5.82 5.25
C SER A 120 1.97 6.72 6.01
N TYR A 121 1.43 6.22 7.12
CA TYR A 121 0.44 6.98 7.86
C TYR A 121 0.92 8.39 8.21
N SER A 122 2.16 8.45 8.64
CA SER A 122 2.81 9.69 9.06
C SER A 122 2.56 10.87 8.13
N PHE A 123 2.64 10.59 6.85
CA PHE A 123 2.43 11.63 5.86
C PHE A 123 1.04 12.25 6.02
N VAL A 124 0.00 11.45 6.20
CA VAL A 124 -1.34 12.02 6.33
C VAL A 124 -1.50 12.62 7.69
N ALA A 125 -0.86 11.98 8.66
CA ALA A 125 -0.86 12.44 10.04
C ALA A 125 -0.48 13.94 10.09
N MET A 126 0.61 14.29 9.43
CA MET A 126 1.03 15.67 9.41
C MET A 126 0.04 16.58 8.67
N ALA A 127 -0.51 16.07 7.57
CA ALA A 127 -1.45 16.85 6.74
C ALA A 127 -2.59 17.28 7.64
N LYS A 128 -3.15 16.26 8.27
CA LYS A 128 -4.23 16.35 9.23
C LYS A 128 -3.91 17.40 10.34
N ALA A 129 -2.67 17.48 10.77
CA ALA A 129 -2.37 18.41 11.85
C ALA A 129 -2.23 19.87 11.45
N CYS A 130 -1.83 20.13 10.21
CA CYS A 130 -1.58 21.50 9.81
C CYS A 130 -2.54 21.91 8.73
N ARG A 131 -3.56 21.08 8.50
CA ARG A 131 -4.47 21.37 7.42
C ARG A 131 -4.97 22.82 7.40
N SER A 132 -5.30 23.34 8.57
CA SER A 132 -5.84 24.71 8.69
C SER A 132 -4.77 25.77 8.64
N MET A 133 -3.51 25.37 8.74
CA MET A 133 -2.45 26.35 8.66
C MET A 133 -1.99 26.55 7.23
N LEU A 134 -2.53 25.77 6.31
CA LEU A 134 -2.05 25.83 4.95
C LEU A 134 -2.68 26.90 4.10
N ASN A 135 -1.87 27.59 3.31
CA ASN A 135 -2.41 28.57 2.38
C ASN A 135 -2.84 27.91 1.11
N PRO A 136 -3.77 28.58 0.44
CA PRO A 136 -4.22 28.12 -0.86
C PRO A 136 -2.97 28.13 -1.69
N GLY A 137 -2.81 27.12 -2.52
CA GLY A 137 -1.63 27.07 -3.35
C GLY A 137 -0.50 26.31 -2.70
N SER A 138 -0.75 25.68 -1.55
CA SER A 138 0.30 24.93 -0.88
C SER A 138 0.53 23.61 -1.58
N ALA A 139 1.63 22.96 -1.26
CA ALA A 139 1.94 21.70 -1.89
C ALA A 139 2.65 20.81 -0.90
N LEU A 140 2.27 19.55 -0.89
CA LEU A 140 2.87 18.59 -0.01
C LEU A 140 3.67 17.62 -0.84
N LEU A 141 4.82 17.25 -0.35
CA LEU A 141 5.62 16.31 -1.08
C LEU A 141 6.16 15.18 -0.25
N THR A 142 6.22 13.99 -0.86
CA THR A 142 6.79 12.80 -0.21
C THR A 142 7.71 12.08 -1.20
N LEU A 143 8.48 11.15 -0.67
CA LEU A 143 9.45 10.40 -1.48
C LEU A 143 9.24 8.90 -1.38
N SER A 144 9.05 8.34 -2.56
CA SER A 144 8.83 6.90 -2.73
C SER A 144 10.04 6.27 -3.41
N TYR A 145 9.79 5.04 -3.77
CA TYR A 145 10.80 4.18 -4.38
C TYR A 145 10.11 3.15 -5.30
N LEU A 146 10.83 2.74 -6.34
CA LEU A 146 10.30 1.81 -7.34
C LEU A 146 9.77 0.53 -6.71
N GLY A 147 10.26 0.23 -5.51
CA GLY A 147 9.84 -0.96 -4.77
C GLY A 147 8.34 -0.99 -4.54
N ALA A 148 7.70 0.17 -4.63
CA ALA A 148 6.22 0.24 -4.48
C ALA A 148 5.55 -0.49 -5.61
N GLU A 149 6.16 -0.37 -6.78
CA GLU A 149 5.60 -0.88 -8.02
C GLU A 149 6.08 -2.23 -8.46
N ARG A 150 7.27 -2.61 -7.99
CA ARG A 150 7.88 -3.89 -8.37
C ARG A 150 8.44 -4.63 -7.17
N ALA A 151 8.52 -5.93 -7.30
CA ALA A 151 9.13 -6.75 -6.27
C ALA A 151 10.67 -6.63 -6.43
N ILE A 152 11.32 -6.20 -5.37
CA ILE A 152 12.74 -5.99 -5.32
C ILE A 152 13.31 -6.76 -4.13
N PRO A 153 14.29 -7.58 -4.41
CA PRO A 153 14.92 -8.37 -3.38
C PRO A 153 15.25 -7.53 -2.14
N ASN A 154 15.02 -8.11 -0.96
CA ASN A 154 15.34 -7.45 0.32
C ASN A 154 14.56 -6.18 0.74
N TYR A 155 13.90 -5.52 -0.19
CA TYR A 155 13.17 -4.29 0.14
C TYR A 155 11.99 -4.70 0.94
N ASN A 156 11.50 -5.87 0.63
CA ASN A 156 10.43 -6.47 1.37
C ASN A 156 9.26 -5.59 1.82
N VAL A 157 9.13 -5.51 3.23
CA VAL A 157 7.83 -4.93 3.56
C VAL A 157 7.81 -3.43 3.29
N MET A 158 8.99 -2.86 3.12
CA MET A 158 9.09 -1.43 2.80
C MET A 158 8.32 -1.19 1.49
N GLY A 159 8.36 -2.20 0.65
CA GLY A 159 7.68 -2.17 -0.66
C GLY A 159 6.18 -1.98 -0.47
N LEU A 160 5.60 -2.74 0.47
CA LEU A 160 4.19 -2.58 0.82
C LEU A 160 3.95 -1.21 1.43
N ALA A 161 4.85 -0.75 2.31
CA ALA A 161 4.66 0.57 2.91
C ALA A 161 4.60 1.67 1.87
N LYS A 162 5.52 1.61 0.91
CA LYS A 162 5.59 2.62 -0.11
C LYS A 162 4.37 2.57 -0.97
N ALA A 163 3.95 1.37 -1.33
CA ALA A 163 2.74 1.23 -2.13
C ALA A 163 1.59 1.97 -1.39
N SER A 164 1.49 1.74 -0.08
CA SER A 164 0.50 2.36 0.75
C SER A 164 0.69 3.90 0.69
N LEU A 165 1.91 4.34 0.81
CA LEU A 165 2.20 5.76 0.74
C LEU A 165 1.76 6.36 -0.59
N GLU A 166 2.01 5.68 -1.67
CA GLU A 166 1.66 6.25 -2.95
C GLU A 166 0.17 6.33 -3.14
N ALA A 167 -0.54 5.46 -2.46
CA ALA A 167 -1.99 5.49 -2.57
C ALA A 167 -2.50 6.69 -1.76
N ASN A 168 -1.80 6.95 -0.66
CA ASN A 168 -2.07 8.07 0.23
C ASN A 168 -1.99 9.38 -0.53
N VAL A 169 -0.92 9.51 -1.35
CA VAL A 169 -0.72 10.69 -2.17
C VAL A 169 -2.00 11.03 -2.96
N ARG A 170 -2.56 10.05 -3.68
CA ARG A 170 -3.81 10.25 -4.43
C ARG A 170 -5.03 10.55 -3.54
N TYR A 171 -5.20 9.79 -2.48
CA TYR A 171 -6.34 10.06 -1.61
C TYR A 171 -6.22 11.46 -1.04
N MET A 172 -5.02 11.82 -0.59
CA MET A 172 -4.79 13.14 -0.02
C MET A 172 -5.04 14.18 -1.12
N ALA A 173 -4.53 13.91 -2.31
CA ALA A 173 -4.67 14.83 -3.43
C ALA A 173 -6.11 15.14 -3.70
N ASN A 174 -6.91 14.06 -3.74
CA ASN A 174 -8.32 14.14 -4.02
C ASN A 174 -9.15 14.83 -2.91
N ALA A 175 -8.60 14.82 -1.69
CA ALA A 175 -9.38 15.37 -0.57
C ALA A 175 -9.08 16.87 -0.39
N MET A 176 -7.83 17.24 -0.54
CA MET A 176 -7.44 18.64 -0.26
C MET A 176 -7.39 19.52 -1.52
N GLY A 177 -7.56 18.89 -2.66
CA GLY A 177 -7.54 19.62 -3.94
C GLY A 177 -8.45 20.85 -3.87
N PRO A 178 -9.76 20.65 -3.61
CA PRO A 178 -10.75 21.74 -3.63
C PRO A 178 -10.46 22.90 -2.71
N GLU A 179 -9.59 22.69 -1.75
CA GLU A 179 -9.25 23.77 -0.83
C GLU A 179 -7.92 24.43 -1.18
N GLY A 180 -7.37 24.11 -2.36
CA GLY A 180 -6.12 24.74 -2.84
C GLY A 180 -4.77 24.05 -2.53
N VAL A 181 -4.80 22.76 -2.26
CA VAL A 181 -3.60 22.02 -1.90
C VAL A 181 -3.27 20.91 -2.86
N ARG A 182 -2.00 20.85 -3.28
CA ARG A 182 -1.53 19.78 -4.15
C ARG A 182 -0.62 18.82 -3.37
N VAL A 183 -0.67 17.56 -3.73
CA VAL A 183 0.06 16.50 -3.08
C VAL A 183 0.61 15.63 -4.20
N ASN A 184 1.90 15.35 -4.13
CA ASN A 184 2.57 14.57 -5.15
C ASN A 184 3.71 13.84 -4.45
N ALA A 185 4.35 12.92 -5.16
CA ALA A 185 5.46 12.19 -4.62
C ALA A 185 6.51 12.13 -5.67
N ILE A 186 7.75 12.02 -5.25
CA ILE A 186 8.83 11.84 -6.20
C ILE A 186 9.31 10.44 -5.90
N SER A 187 9.35 9.60 -6.90
CA SER A 187 9.90 8.25 -6.74
C SER A 187 11.34 8.31 -7.28
N ALA A 188 12.28 8.45 -6.36
CA ALA A 188 13.69 8.60 -6.71
C ALA A 188 14.37 7.27 -6.97
N GLY A 189 15.41 7.28 -7.78
CA GLY A 189 16.17 6.05 -7.99
C GLY A 189 17.18 5.97 -6.81
N PRO A 190 17.98 4.93 -6.76
CA PRO A 190 18.97 4.80 -5.71
C PRO A 190 20.07 5.82 -5.92
N ILE A 191 20.37 6.50 -4.84
CA ILE A 191 21.33 7.53 -4.86
C ILE A 191 22.64 7.04 -4.32
N ARG A 192 23.69 7.10 -5.14
CA ARG A 192 25.02 6.67 -4.73
C ARG A 192 25.53 7.48 -3.54
N THR A 193 25.77 6.78 -2.44
CA THR A 193 26.31 7.39 -1.24
C THR A 193 27.46 6.56 -0.69
N LEU A 194 28.13 7.12 0.32
CA LEU A 194 29.30 6.47 0.95
C LEU A 194 28.95 5.74 2.25
N ALA A 195 28.06 6.36 3.02
CA ALA A 195 27.63 5.78 4.27
C ALA A 195 27.19 4.35 3.99
N ALA A 196 26.37 3.82 4.90
CA ALA A 196 25.84 2.47 4.77
C ALA A 196 24.34 2.55 4.85
N SER A 197 23.65 1.80 4.00
CA SER A 197 22.20 1.81 3.97
C SER A 197 21.58 0.65 4.72
N GLY A 198 20.43 0.92 5.36
CA GLY A 198 19.70 -0.10 6.12
C GLY A 198 19.23 -1.16 5.13
N ILE A 199 19.24 -0.79 3.85
CA ILE A 199 18.84 -1.66 2.76
C ILE A 199 20.01 -2.58 2.33
N LYS A 200 19.74 -3.89 2.29
CA LYS A 200 20.74 -4.93 1.97
C LYS A 200 21.30 -4.95 0.51
N ASP A 201 22.62 -5.25 0.41
CA ASP A 201 23.32 -5.30 -0.87
C ASP A 201 23.01 -4.10 -1.84
N PHE A 202 22.79 -2.93 -1.21
CA PHE A 202 22.48 -1.68 -1.91
C PHE A 202 23.56 -1.25 -2.91
N ARG A 203 24.83 -1.43 -2.53
CA ARG A 203 25.95 -1.08 -3.41
C ARG A 203 25.73 -1.67 -4.79
N LYS A 204 25.39 -2.95 -4.81
CA LYS A 204 25.11 -3.65 -6.06
C LYS A 204 23.90 -3.00 -6.77
N MET A 205 22.84 -2.70 -6.02
CA MET A 205 21.71 -2.02 -6.60
C MET A 205 22.29 -0.83 -7.40
N LEU A 206 23.18 -0.08 -6.75
CA LEU A 206 23.82 1.08 -7.37
C LEU A 206 24.57 0.73 -8.66
N ALA A 207 25.50 -0.20 -8.54
CA ALA A 207 26.31 -0.58 -9.69
C ALA A 207 25.43 -0.95 -10.88
N HIS A 208 24.45 -1.79 -10.62
CA HIS A 208 23.59 -2.29 -11.67
C HIS A 208 22.87 -1.14 -12.33
N CYS A 209 22.21 -0.31 -11.52
CA CYS A 209 21.49 0.86 -12.06
C CYS A 209 22.22 1.70 -13.13
N GLU A 210 23.39 2.22 -12.80
CA GLU A 210 24.16 3.07 -13.72
C GLU A 210 24.36 2.43 -15.08
N ALA A 211 24.65 1.14 -15.06
CA ALA A 211 24.88 0.36 -16.26
C ALA A 211 23.65 0.33 -17.15
N VAL A 212 22.49 0.09 -16.56
CA VAL A 212 21.27 -0.07 -17.35
C VAL A 212 20.35 1.16 -17.36
N THR A 213 20.71 2.20 -16.63
CA THR A 213 19.87 3.37 -16.65
C THR A 213 20.08 4.12 -17.96
N PRO A 214 18.98 4.50 -18.58
CA PRO A 214 19.07 5.19 -19.84
C PRO A 214 20.04 6.37 -19.83
N ILE A 215 20.05 7.16 -18.76
CA ILE A 215 21.03 8.24 -18.72
C ILE A 215 22.39 7.75 -18.29
N ARG A 216 22.49 6.47 -17.96
CA ARG A 216 23.80 5.95 -17.64
C ARG A 216 24.48 6.52 -16.40
N ARG A 217 23.72 6.83 -15.38
CA ARG A 217 24.30 7.28 -14.14
C ARG A 217 23.23 7.27 -13.11
N THR A 218 23.62 7.36 -11.86
CA THR A 218 22.64 7.46 -10.80
C THR A 218 22.29 8.94 -10.60
N VAL A 219 21.09 9.18 -10.07
CA VAL A 219 20.65 10.52 -9.83
C VAL A 219 21.29 10.99 -8.58
N THR A 220 21.30 12.32 -8.41
CA THR A 220 21.89 12.94 -7.24
C THR A 220 20.79 13.58 -6.37
N ILE A 221 21.11 13.89 -5.13
CA ILE A 221 20.10 14.55 -4.30
C ILE A 221 19.88 15.89 -4.93
N GLU A 222 20.85 16.28 -5.74
CA GLU A 222 20.74 17.51 -6.49
C GLU A 222 19.62 17.37 -7.48
N ASP A 223 19.68 16.31 -8.29
CA ASP A 223 18.66 16.05 -9.29
C ASP A 223 17.34 16.02 -8.55
N VAL A 224 17.31 15.29 -7.42
CA VAL A 224 16.05 15.13 -6.68
C VAL A 224 15.56 16.42 -6.06
N GLY A 225 16.51 17.20 -5.51
CA GLY A 225 16.21 18.49 -4.93
C GLY A 225 15.44 19.37 -5.90
N ASN A 226 16.02 19.50 -7.10
CA ASN A 226 15.49 20.33 -8.19
C ASN A 226 14.05 20.01 -8.58
N SER A 227 13.75 18.73 -8.81
CA SER A 227 12.39 18.27 -9.11
C SER A 227 11.46 18.59 -7.92
N ALA A 228 12.00 18.41 -6.72
CA ALA A 228 11.30 18.69 -5.48
C ALA A 228 10.89 20.15 -5.46
N ALA A 229 11.86 21.05 -5.59
CA ALA A 229 11.58 22.51 -5.61
C ALA A 229 10.47 22.84 -6.57
N PHE A 230 10.60 22.35 -7.80
CA PHE A 230 9.62 22.58 -8.86
C PHE A 230 8.19 22.15 -8.46
N LEU A 231 8.09 20.96 -7.91
CA LEU A 231 6.80 20.41 -7.58
C LEU A 231 6.13 21.08 -6.40
N CYS A 232 6.88 21.86 -5.63
CA CYS A 232 6.32 22.57 -4.48
C CYS A 232 6.12 24.05 -4.82
N SER A 233 6.47 24.39 -6.06
CA SER A 233 6.40 25.75 -6.54
C SER A 233 5.14 25.95 -7.34
N ASP A 234 4.79 27.21 -7.61
CA ASP A 234 3.60 27.48 -8.39
C ASP A 234 3.81 27.11 -9.83
N LEU A 235 5.05 26.87 -10.20
CA LEU A 235 5.28 26.42 -11.55
C LEU A 235 4.59 25.03 -11.79
N SER A 236 4.38 24.21 -10.74
CA SER A 236 3.75 22.86 -10.91
C SER A 236 2.25 22.83 -10.61
N ALA A 237 1.63 23.98 -10.72
CA ALA A 237 0.24 24.19 -10.45
C ALA A 237 -0.73 23.17 -11.05
N GLY A 238 -0.42 22.66 -12.23
CA GLY A 238 -1.31 21.72 -12.89
C GLY A 238 -1.06 20.28 -12.47
N ILE A 239 -0.09 20.09 -11.59
CA ILE A 239 0.29 18.75 -11.14
C ILE A 239 -0.12 18.42 -9.69
N SER A 240 -0.96 17.40 -9.54
CA SER A 240 -1.41 16.89 -8.24
C SER A 240 -1.77 15.44 -8.35
N GLY A 241 -1.46 14.69 -7.28
CA GLY A 241 -1.76 13.25 -7.20
C GLY A 241 -0.76 12.42 -8.00
N GLU A 242 0.37 13.01 -8.27
CA GLU A 242 1.36 12.40 -9.13
C GLU A 242 2.58 11.75 -8.49
N VAL A 243 2.98 10.62 -9.05
CA VAL A 243 4.20 9.95 -8.63
C VAL A 243 5.20 10.19 -9.77
N VAL A 244 6.06 11.17 -9.58
CA VAL A 244 7.02 11.48 -10.60
C VAL A 244 8.27 10.66 -10.43
N HIS A 245 8.66 9.91 -11.46
CA HIS A 245 9.86 9.10 -11.34
C HIS A 245 11.08 9.93 -11.64
N VAL A 246 12.03 9.92 -10.75
CA VAL A 246 13.24 10.67 -10.96
C VAL A 246 14.34 9.69 -10.80
N ASP A 247 14.47 8.80 -11.75
CA ASP A 247 15.46 7.76 -11.69
C ASP A 247 16.18 7.53 -13.03
N GLY A 248 16.23 8.57 -13.86
CA GLY A 248 16.93 8.52 -15.16
C GLY A 248 16.42 7.54 -16.21
N GLY A 249 15.13 7.22 -16.13
CA GLY A 249 14.49 6.33 -17.09
C GLY A 249 14.64 4.87 -16.70
N PHE A 250 15.23 4.61 -15.55
CA PHE A 250 15.39 3.22 -15.12
C PHE A 250 14.10 2.41 -15.16
N SER A 251 13.08 2.80 -14.42
CA SER A 251 11.84 2.00 -14.43
C SER A 251 11.28 1.67 -15.85
N ILE A 252 11.64 2.44 -16.88
CA ILE A 252 11.04 2.21 -18.20
C ILE A 252 11.68 1.28 -19.15
N ALA A 253 12.95 1.00 -18.93
CA ALA A 253 13.63 0.07 -19.81
C ALA A 253 13.60 -1.36 -19.25
N ALA A 254 13.70 -2.32 -20.14
CA ALA A 254 13.75 -3.72 -19.74
C ALA A 254 14.82 -4.45 -20.53
N MET A 255 15.49 -5.38 -19.86
CA MET A 255 16.54 -6.21 -20.46
C MET A 255 17.72 -5.44 -21.07
N ASN A 256 17.97 -4.22 -20.57
CA ASN A 256 19.13 -3.46 -21.03
C ASN A 256 20.31 -4.29 -20.58
N GLU A 257 20.01 -5.40 -19.90
CA GLU A 257 20.97 -6.36 -19.38
C GLU A 257 20.86 -6.38 -17.85
N GLY B 1 -13.49 -31.79 -13.52
CA GLY B 1 -13.30 -30.38 -13.89
C GLY B 1 -11.82 -30.04 -13.87
N PHE B 2 -11.49 -28.82 -14.27
CA PHE B 2 -10.08 -28.42 -14.28
C PHE B 2 -9.45 -28.19 -12.89
N LEU B 3 -10.19 -28.51 -11.82
CA LEU B 3 -9.66 -28.35 -10.46
C LEU B 3 -9.64 -29.64 -9.73
N SER B 4 -10.08 -30.68 -10.44
CA SER B 4 -10.10 -32.06 -9.95
C SER B 4 -8.73 -32.48 -9.45
N GLY B 5 -8.69 -32.92 -8.19
CA GLY B 5 -7.43 -33.34 -7.57
C GLY B 5 -6.91 -32.23 -6.67
N LYS B 6 -7.55 -31.10 -6.75
CA LYS B 6 -7.04 -29.95 -5.99
C LYS B 6 -7.79 -29.80 -4.66
N ARG B 7 -7.00 -29.59 -3.63
CA ARG B 7 -7.49 -29.37 -2.27
C ARG B 7 -7.26 -27.89 -1.91
N ILE B 8 -8.32 -27.10 -1.97
CA ILE B 8 -8.25 -25.66 -1.66
C ILE B 8 -8.88 -25.37 -0.30
N LEU B 9 -8.31 -24.31 0.36
CA LEU B 9 -8.86 -23.78 1.59
C LEU B 9 -9.52 -22.42 1.28
N VAL B 10 -10.89 -22.28 1.63
CA VAL B 10 -11.50 -20.99 1.27
C VAL B 10 -11.87 -20.22 2.55
N THR B 11 -11.54 -18.93 2.53
CA THR B 11 -11.85 -18.00 3.63
C THR B 11 -12.86 -16.95 3.21
N GLY B 12 -13.22 -16.18 4.21
CA GLY B 12 -14.17 -15.07 4.09
C GLY B 12 -15.50 -15.58 3.53
N VAL B 13 -16.07 -16.71 3.81
CA VAL B 13 -17.49 -16.96 3.56
C VAL B 13 -18.25 -16.45 4.80
N ALA B 14 -19.26 -15.62 4.56
CA ALA B 14 -20.09 -15.09 5.64
C ALA B 14 -21.57 -15.18 5.27
N SER B 15 -21.89 -15.32 3.98
CA SER B 15 -23.30 -15.43 3.55
C SER B 15 -23.33 -15.83 2.11
N LYS B 16 -24.51 -16.13 1.64
CA LYS B 16 -24.67 -16.46 0.25
C LYS B 16 -24.29 -15.31 -0.71
N LEU B 17 -24.10 -14.10 -0.19
CA LEU B 17 -23.72 -12.96 -1.05
C LEU B 17 -22.23 -12.78 -1.10
N SER B 18 -21.53 -13.42 -0.15
CA SER B 18 -20.09 -13.37 -0.08
C SER B 18 -19.41 -13.79 -1.40
N ILE B 19 -18.47 -12.98 -1.84
CA ILE B 19 -17.68 -13.32 -3.01
C ILE B 19 -17.17 -14.77 -2.87
N ALA B 20 -16.60 -15.09 -1.71
CA ALA B 20 -16.06 -16.46 -1.46
C ALA B 20 -17.05 -17.60 -1.57
N TYR B 21 -18.34 -17.32 -1.40
CA TYR B 21 -19.35 -18.36 -1.55
C TYR B 21 -19.32 -18.70 -3.01
N GLY B 22 -19.44 -17.67 -3.85
CA GLY B 22 -19.37 -17.78 -5.30
C GLY B 22 -18.09 -18.50 -5.78
N ILE B 23 -16.95 -18.15 -5.20
CA ILE B 23 -15.70 -18.83 -5.54
C ILE B 23 -15.76 -20.36 -5.16
N ALA B 24 -16.21 -20.64 -3.94
CA ALA B 24 -16.39 -22.00 -3.42
C ALA B 24 -17.27 -22.84 -4.36
N GLN B 25 -18.42 -22.30 -4.74
CA GLN B 25 -19.34 -23.00 -5.61
C GLN B 25 -18.60 -23.36 -6.89
N ALA B 26 -18.02 -22.35 -7.51
CA ALA B 26 -17.32 -22.54 -8.76
C ALA B 26 -16.19 -23.58 -8.70
N MET B 27 -15.37 -23.51 -7.66
CA MET B 27 -14.27 -24.42 -7.49
C MET B 27 -14.73 -25.86 -7.30
N HIS B 28 -15.89 -25.99 -6.70
CA HIS B 28 -16.47 -27.26 -6.37
C HIS B 28 -17.00 -27.88 -7.66
N ARG B 29 -17.63 -27.05 -8.46
CA ARG B 29 -18.16 -27.47 -9.74
C ARG B 29 -17.01 -27.95 -10.66
N GLU B 30 -15.75 -27.36 -10.38
CA GLU B 30 -14.69 -27.79 -11.30
C GLU B 30 -13.89 -28.95 -10.68
N GLY B 31 -14.46 -29.50 -9.62
CA GLY B 31 -13.96 -30.74 -8.99
C GLY B 31 -12.91 -30.59 -7.86
N ALA B 32 -12.76 -29.41 -7.28
CA ALA B 32 -11.78 -29.26 -6.18
C ALA B 32 -12.37 -29.76 -4.86
N GLU B 33 -11.49 -30.14 -3.91
CA GLU B 33 -11.86 -30.53 -2.56
C GLU B 33 -11.60 -29.27 -1.73
N LEU B 34 -12.63 -28.84 -1.01
CA LEU B 34 -12.59 -27.59 -0.31
C LEU B 34 -12.53 -27.68 1.21
N ALA B 35 -11.95 -26.67 1.83
CA ALA B 35 -11.93 -26.59 3.27
C ALA B 35 -12.35 -25.19 3.54
N PHE B 36 -13.02 -24.98 4.66
CA PHE B 36 -13.48 -23.65 5.01
C PHE B 36 -13.02 -23.20 6.38
N THR B 37 -12.90 -21.89 6.52
CA THR B 37 -12.65 -21.28 7.80
C THR B 37 -13.74 -20.26 8.13
N TYR B 38 -13.89 -20.02 9.40
CA TYR B 38 -14.81 -19.01 9.86
C TYR B 38 -14.16 -18.14 10.92
N GLN B 39 -14.60 -16.90 10.96
CA GLN B 39 -14.05 -15.91 11.87
C GLN B 39 -14.46 -16.08 13.31
N ASN B 40 -15.73 -16.35 13.57
CA ASN B 40 -16.13 -16.49 14.94
C ASN B 40 -17.35 -17.32 15.05
N ASP B 41 -17.76 -17.49 16.31
CA ASP B 41 -18.90 -18.31 16.69
C ASP B 41 -20.19 -17.82 16.08
N LYS B 42 -20.25 -16.52 15.82
CA LYS B 42 -21.43 -15.99 15.16
C LYS B 42 -21.65 -16.56 13.70
N LEU B 43 -20.57 -16.85 13.00
CA LEU B 43 -20.66 -17.36 11.62
C LEU B 43 -20.53 -18.87 11.48
N LYS B 44 -19.92 -19.52 12.47
CA LYS B 44 -19.69 -20.96 12.45
C LYS B 44 -20.77 -21.85 11.84
N GLY B 45 -22.03 -21.64 12.22
CA GLY B 45 -23.09 -22.49 11.72
C GLY B 45 -23.45 -22.26 10.25
N ARG B 46 -23.34 -21.04 9.79
CA ARG B 46 -23.71 -20.75 8.40
C ARG B 46 -22.72 -21.47 7.49
N VAL B 47 -21.45 -21.28 7.78
CA VAL B 47 -20.34 -21.88 7.04
C VAL B 47 -20.38 -23.41 7.07
N GLU B 48 -20.72 -23.96 8.23
CA GLU B 48 -20.76 -25.39 8.35
C GLU B 48 -21.83 -25.89 7.44
N GLU B 49 -22.92 -25.15 7.39
CA GLU B 49 -24.02 -25.50 6.53
C GLU B 49 -23.59 -25.37 5.05
N PHE B 50 -22.91 -24.29 4.69
CA PHE B 50 -22.52 -24.15 3.29
C PHE B 50 -21.55 -25.28 2.92
N ALA B 51 -20.59 -25.52 3.81
CA ALA B 51 -19.56 -26.53 3.62
C ALA B 51 -20.21 -27.83 3.18
N ALA B 52 -21.09 -28.31 4.03
CA ALA B 52 -21.82 -29.52 3.78
C ALA B 52 -22.47 -29.53 2.39
N GLN B 53 -23.00 -28.40 1.98
CA GLN B 53 -23.64 -28.36 0.70
C GLN B 53 -22.63 -28.58 -0.41
N LEU B 54 -21.37 -28.25 -0.13
CA LEU B 54 -20.31 -28.41 -1.12
C LEU B 54 -19.44 -29.60 -0.74
N GLY B 55 -20.09 -30.61 -0.19
CA GLY B 55 -19.42 -31.81 0.22
C GLY B 55 -18.22 -31.67 1.17
N SER B 56 -18.16 -30.62 1.97
CA SER B 56 -17.05 -30.56 2.90
C SER B 56 -17.48 -30.59 4.34
N ASP B 57 -16.55 -31.06 5.17
CA ASP B 57 -16.74 -31.03 6.61
C ASP B 57 -15.44 -30.56 7.28
N ILE B 58 -14.62 -29.84 6.53
CA ILE B 58 -13.43 -29.27 7.09
C ILE B 58 -13.78 -27.79 7.23
N VAL B 59 -14.24 -27.44 8.44
CA VAL B 59 -14.64 -26.11 8.80
C VAL B 59 -13.85 -25.68 10.06
N LEU B 60 -12.99 -24.70 9.93
CA LEU B 60 -12.16 -24.30 11.03
C LEU B 60 -12.23 -22.84 11.29
N GLN B 61 -12.02 -22.49 12.55
CA GLN B 61 -11.99 -21.12 12.97
C GLN B 61 -10.66 -20.47 12.64
N CYS B 62 -10.75 -19.26 12.14
CA CYS B 62 -9.57 -18.49 11.92
C CYS B 62 -9.95 -17.05 11.93
N ASP B 63 -9.30 -16.34 12.83
CA ASP B 63 -9.39 -14.91 12.93
C ASP B 63 -7.94 -14.44 12.67
N VAL B 64 -7.73 -13.86 11.49
CA VAL B 64 -6.38 -13.48 11.07
C VAL B 64 -5.77 -12.33 11.83
N ALA B 65 -6.47 -11.89 12.87
CA ALA B 65 -5.98 -10.82 13.72
C ALA B 65 -4.99 -11.41 14.70
N GLU B 66 -5.09 -12.72 14.90
CA GLU B 66 -4.26 -13.42 15.87
C GLU B 66 -3.37 -14.49 15.23
N ASP B 67 -2.06 -14.29 15.28
CA ASP B 67 -1.16 -15.26 14.71
C ASP B 67 -1.45 -16.63 15.26
N ALA B 68 -1.81 -16.70 16.53
CA ALA B 68 -2.06 -18.00 17.18
C ALA B 68 -3.22 -18.74 16.53
N SER B 69 -4.26 -17.99 16.21
CA SER B 69 -5.44 -18.52 15.57
C SER B 69 -4.99 -19.07 14.22
N ILE B 70 -4.19 -18.31 13.51
CA ILE B 70 -3.71 -18.78 12.23
C ILE B 70 -2.94 -20.11 12.37
N ASP B 71 -1.95 -20.12 13.27
CA ASP B 71 -1.15 -21.31 13.53
C ASP B 71 -1.99 -22.52 13.92
N THR B 72 -2.85 -22.31 14.87
CA THR B 72 -3.73 -23.37 15.33
C THR B 72 -4.61 -23.95 14.23
N MET B 73 -5.09 -23.09 13.34
CA MET B 73 -5.95 -23.55 12.24
C MET B 73 -5.15 -24.40 11.29
N PHE B 74 -3.97 -23.92 10.93
CA PHE B 74 -3.16 -24.68 10.03
C PHE B 74 -2.74 -25.98 10.63
N ALA B 75 -2.53 -25.98 11.95
CA ALA B 75 -2.17 -27.21 12.68
C ALA B 75 -3.31 -28.22 12.56
N GLU B 76 -4.54 -27.76 12.73
CA GLU B 76 -5.64 -28.69 12.63
C GLU B 76 -5.90 -29.13 11.18
N LEU B 77 -5.77 -28.22 10.22
CA LEU B 77 -6.01 -28.60 8.82
C LEU B 77 -5.08 -29.78 8.52
N GLY B 78 -3.81 -29.58 8.88
CA GLY B 78 -2.79 -30.62 8.66
C GLY B 78 -3.19 -32.06 9.04
N LYS B 79 -3.85 -32.24 10.18
CA LYS B 79 -4.27 -33.57 10.55
C LYS B 79 -4.96 -34.21 9.34
N VAL B 80 -5.86 -33.47 8.69
CA VAL B 80 -6.58 -33.98 7.51
C VAL B 80 -5.97 -33.62 6.11
N TRP B 81 -5.26 -32.50 6.02
CA TRP B 81 -4.62 -32.10 4.74
C TRP B 81 -3.19 -31.71 5.05
N PRO B 82 -2.34 -32.71 5.17
CA PRO B 82 -0.93 -32.51 5.48
C PRO B 82 -0.29 -31.62 4.45
N LYS B 83 -0.80 -31.72 3.24
CA LYS B 83 -0.33 -30.91 2.14
C LYS B 83 -1.59 -30.52 1.41
N PHE B 84 -1.54 -29.36 0.74
CA PHE B 84 -2.67 -28.88 -0.01
C PHE B 84 -2.24 -27.90 -1.11
N ASP B 85 -3.17 -27.56 -1.96
CA ASP B 85 -2.84 -26.76 -3.14
C ASP B 85 -3.09 -25.26 -3.12
N GLY B 86 -3.16 -24.68 -1.92
CA GLY B 86 -3.30 -23.24 -1.79
C GLY B 86 -4.56 -22.75 -1.09
N PHE B 87 -4.79 -21.44 -1.15
CA PHE B 87 -5.94 -20.87 -0.51
C PHE B 87 -6.36 -19.57 -1.12
N VAL B 88 -7.62 -19.26 -0.88
CA VAL B 88 -8.28 -18.06 -1.35
C VAL B 88 -8.53 -17.12 -0.18
N HIS B 89 -7.82 -15.99 -0.17
CA HIS B 89 -7.94 -14.98 0.90
C HIS B 89 -8.98 -13.97 0.46
N SER B 90 -10.13 -13.95 1.12
CA SER B 90 -11.22 -13.06 0.78
C SER B 90 -11.66 -12.33 2.07
N ILE B 91 -10.70 -11.75 2.74
CA ILE B 91 -10.92 -11.10 3.99
C ILE B 91 -10.63 -9.61 3.87
N GLY B 92 -11.24 -8.81 4.73
CA GLY B 92 -11.04 -7.37 4.70
C GLY B 92 -11.75 -6.70 5.87
N PHE B 93 -11.23 -5.57 6.30
CA PHE B 93 -11.86 -4.85 7.39
C PHE B 93 -11.27 -3.50 7.73
N ALA B 94 -12.14 -2.62 8.25
CA ALA B 94 -11.79 -1.28 8.73
C ALA B 94 -12.97 -0.77 9.53
N PRO B 95 -12.73 0.08 10.52
CA PRO B 95 -13.81 0.64 11.34
C PRO B 95 -14.61 1.58 10.47
N GLY B 96 -15.92 1.51 10.63
CA GLY B 96 -16.87 2.29 9.85
C GLY B 96 -16.63 3.78 9.82
N ASP B 97 -16.25 4.35 10.96
CA ASP B 97 -16.00 5.79 11.01
C ASP B 97 -15.03 6.12 9.90
N GLN B 98 -14.19 5.14 9.58
CA GLN B 98 -13.16 5.31 8.58
C GLN B 98 -13.63 5.53 7.17
N LEU B 99 -14.80 5.00 6.82
CA LEU B 99 -15.20 5.08 5.42
C LEU B 99 -16.27 6.09 5.16
N ASP B 100 -16.21 7.21 5.85
CA ASP B 100 -17.27 8.17 5.68
C ASP B 100 -16.74 9.58 5.62
N GLY B 101 -16.91 10.23 4.47
CA GLY B 101 -16.49 11.62 4.27
C GLY B 101 -15.00 11.82 3.94
N ASP B 102 -14.59 13.07 4.00
CA ASP B 102 -13.22 13.50 3.76
C ASP B 102 -12.21 12.56 4.37
N TYR B 103 -11.37 11.98 3.51
CA TYR B 103 -10.33 11.01 3.90
C TYR B 103 -9.39 11.53 4.98
N VAL B 104 -8.92 12.75 4.84
CA VAL B 104 -7.98 13.29 5.80
C VAL B 104 -8.61 13.42 7.17
N ASN B 105 -9.81 13.97 7.21
CA ASN B 105 -10.54 14.13 8.46
C ASN B 105 -10.86 12.79 9.10
N ALA B 106 -11.32 11.85 8.28
CA ALA B 106 -11.67 10.53 8.77
C ALA B 106 -10.54 9.64 9.28
N VAL B 107 -9.46 9.57 8.53
CA VAL B 107 -8.42 8.65 8.88
C VAL B 107 -7.85 8.89 10.26
N THR B 108 -7.43 7.82 10.93
CA THR B 108 -6.78 7.95 12.23
C THR B 108 -5.70 6.91 12.25
N ARG B 109 -4.73 7.06 13.14
CA ARG B 109 -3.62 6.11 13.26
C ARG B 109 -4.09 4.68 13.46
N GLU B 110 -5.06 4.52 14.33
CA GLU B 110 -5.54 3.20 14.66
C GLU B 110 -6.33 2.55 13.54
N GLY B 111 -7.12 3.36 12.84
CA GLY B 111 -7.96 2.85 11.76
C GLY B 111 -7.06 2.35 10.65
N PHE B 112 -6.11 3.19 10.30
CA PHE B 112 -5.16 2.89 9.28
C PHE B 112 -4.53 1.54 9.61
N LYS B 113 -4.05 1.44 10.83
CA LYS B 113 -3.40 0.25 11.37
C LYS B 113 -4.27 -1.01 11.18
N ILE B 114 -5.49 -0.93 11.68
CA ILE B 114 -6.41 -2.06 11.63
C ILE B 114 -6.69 -2.47 10.19
N ALA B 115 -7.04 -1.50 9.39
CA ALA B 115 -7.35 -1.72 7.98
C ALA B 115 -6.23 -2.46 7.33
N HIS B 116 -5.02 -2.05 7.65
CA HIS B 116 -3.88 -2.64 6.98
C HIS B 116 -3.51 -4.00 7.54
N ASP B 117 -3.68 -4.17 8.86
CA ASP B 117 -3.37 -5.46 9.52
C ASP B 117 -4.28 -6.52 8.95
N ILE B 118 -5.59 -6.35 9.16
CA ILE B 118 -6.55 -7.29 8.62
C ILE B 118 -6.55 -7.43 7.12
N SER B 119 -6.57 -6.32 6.41
CA SER B 119 -6.75 -6.40 4.97
C SER B 119 -5.57 -6.71 4.10
N SER B 120 -4.36 -6.55 4.60
CA SER B 120 -3.18 -6.77 3.80
C SER B 120 -2.20 -7.74 4.45
N TYR B 121 -1.75 -7.44 5.66
CA TYR B 121 -0.80 -8.34 6.35
C TYR B 121 -1.30 -9.77 6.45
N SER B 122 -2.60 -9.91 6.72
CA SER B 122 -3.23 -11.21 6.93
C SER B 122 -2.98 -12.25 5.82
N PHE B 123 -2.87 -11.75 4.61
CA PHE B 123 -2.59 -12.59 3.45
C PHE B 123 -1.21 -13.24 3.52
N VAL B 124 -0.22 -12.49 3.95
CA VAL B 124 1.10 -13.10 4.01
C VAL B 124 1.22 -13.91 5.28
N ALA B 125 0.51 -13.45 6.30
CA ALA B 125 0.48 -14.18 7.55
C ALA B 125 0.10 -15.60 7.25
N MET B 126 -0.99 -15.77 6.52
CA MET B 126 -1.46 -17.10 6.17
C MET B 126 -0.43 -17.89 5.37
N ALA B 127 0.23 -17.22 4.44
CA ALA B 127 1.22 -17.89 3.59
C ALA B 127 2.38 -18.34 4.44
N LYS B 128 2.75 -17.47 5.37
CA LYS B 128 3.89 -17.73 6.24
C LYS B 128 3.60 -18.97 7.03
N ALA B 129 2.38 -19.05 7.53
CA ALA B 129 2.00 -20.17 8.35
C ALA B 129 1.78 -21.49 7.64
N CYS B 130 1.36 -21.49 6.39
CA CYS B 130 1.15 -22.78 5.75
C CYS B 130 2.19 -23.10 4.70
N ARG B 131 3.25 -22.28 4.64
CA ARG B 131 4.24 -22.41 3.58
C ARG B 131 4.74 -23.82 3.34
N SER B 132 5.05 -24.51 4.41
CA SER B 132 5.58 -25.88 4.38
C SER B 132 4.61 -26.94 3.86
N MET B 133 3.33 -26.67 3.92
CA MET B 133 2.31 -27.66 3.55
C MET B 133 1.78 -27.46 2.16
N LEU B 134 2.26 -26.43 1.48
CA LEU B 134 1.78 -26.18 0.13
C LEU B 134 2.48 -27.05 -0.90
N ASN B 135 1.72 -27.55 -1.84
CA ASN B 135 2.33 -28.34 -2.88
C ASN B 135 2.82 -27.48 -4.02
N PRO B 136 3.76 -28.01 -4.73
CA PRO B 136 4.23 -27.35 -5.91
C PRO B 136 3.05 -27.32 -6.86
N GLY B 137 2.82 -26.16 -7.44
CA GLY B 137 1.70 -25.99 -8.35
C GLY B 137 0.55 -25.35 -7.60
N SER B 138 0.75 -25.11 -6.29
CA SER B 138 -0.23 -24.45 -5.42
C SER B 138 -0.46 -23.01 -5.88
N ALA B 139 -1.64 -22.47 -5.58
CA ALA B 139 -1.96 -21.11 -5.97
C ALA B 139 -2.61 -20.34 -4.85
N LEU B 140 -2.11 -19.14 -4.58
CA LEU B 140 -2.71 -18.28 -3.58
C LEU B 140 -3.42 -17.14 -4.26
N LEU B 141 -4.61 -16.83 -3.74
CA LEU B 141 -5.46 -15.78 -4.30
C LEU B 141 -6.07 -14.81 -3.30
N THR B 142 -6.10 -13.53 -3.68
CA THR B 142 -6.72 -12.50 -2.87
C THR B 142 -7.60 -11.60 -3.71
N LEU B 143 -8.42 -10.81 -3.05
CA LEU B 143 -9.36 -9.95 -3.76
C LEU B 143 -9.10 -8.51 -3.45
N SER B 144 -9.04 -7.70 -4.48
CA SER B 144 -8.74 -6.30 -4.31
C SER B 144 -9.77 -5.42 -4.99
N TYR B 145 -9.50 -4.11 -5.06
CA TYR B 145 -10.47 -3.16 -5.60
C TYR B 145 -9.79 -1.96 -6.28
N LEU B 146 -10.44 -1.39 -7.29
CA LEU B 146 -9.87 -0.27 -8.04
C LEU B 146 -9.45 0.74 -7.02
N GLY B 147 -10.22 0.78 -5.94
CA GLY B 147 -9.95 1.69 -4.85
C GLY B 147 -8.43 1.80 -4.64
N ALA B 148 -7.69 0.71 -4.81
CA ALA B 148 -6.24 0.74 -4.61
C ALA B 148 -5.42 1.57 -5.61
N GLU B 149 -5.94 1.67 -6.84
CA GLU B 149 -5.26 2.37 -7.94
C GLU B 149 -5.74 3.81 -8.15
N ARG B 150 -6.98 4.09 -7.79
CA ARG B 150 -7.54 5.43 -7.91
C ARG B 150 -8.11 5.90 -6.61
N ALA B 151 -8.28 7.21 -6.47
CA ALA B 151 -8.84 7.75 -5.26
C ALA B 151 -10.36 7.67 -5.41
N ILE B 152 -10.98 6.83 -4.59
CA ILE B 152 -12.42 6.68 -4.62
C ILE B 152 -13.14 7.24 -3.39
N PRO B 153 -14.10 8.08 -3.64
CA PRO B 153 -14.84 8.71 -2.57
C PRO B 153 -15.35 7.73 -1.52
N ASN B 154 -15.09 8.11 -0.28
CA ASN B 154 -15.43 7.32 0.88
C ASN B 154 -14.60 6.06 1.08
N TYR B 155 -13.99 5.56 0.01
CA TYR B 155 -13.22 4.33 0.13
C TYR B 155 -12.07 4.55 1.04
N ASN B 156 -11.67 5.80 1.13
CA ASN B 156 -10.64 6.23 2.05
C ASN B 156 -9.45 5.28 2.33
N VAL B 157 -9.19 5.01 3.59
CA VAL B 157 -8.07 4.18 3.97
C VAL B 157 -8.03 2.74 3.40
N MET B 158 -9.19 2.15 3.04
CA MET B 158 -9.20 0.80 2.46
C MET B 158 -8.43 0.85 1.17
N GLY B 159 -8.50 2.00 0.52
CA GLY B 159 -7.73 2.22 -0.69
C GLY B 159 -6.25 1.96 -0.38
N LEU B 160 -5.75 2.54 0.69
CA LEU B 160 -4.37 2.33 1.05
C LEU B 160 -4.10 0.89 1.36
N ALA B 161 -4.93 0.29 2.20
CA ALA B 161 -4.73 -1.12 2.57
C ALA B 161 -4.71 -2.00 1.34
N LYS B 162 -5.55 -1.68 0.37
CA LYS B 162 -5.61 -2.49 -0.84
C LYS B 162 -4.36 -2.35 -1.66
N ALA B 163 -3.78 -1.16 -1.63
CA ALA B 163 -2.58 -0.92 -2.40
C ALA B 163 -1.48 -1.75 -1.75
N SER B 164 -1.49 -1.80 -0.42
CA SER B 164 -0.54 -2.62 0.31
C SER B 164 -0.74 -4.11 -0.09
N LEU B 165 -1.99 -4.54 -0.10
CA LEU B 165 -2.33 -5.88 -0.53
C LEU B 165 -1.76 -6.23 -1.89
N GLU B 166 -2.03 -5.39 -2.88
CA GLU B 166 -1.55 -5.64 -4.24
C GLU B 166 -0.03 -5.66 -4.36
N ALA B 167 0.64 -4.91 -3.49
CA ALA B 167 2.09 -4.94 -3.46
C ALA B 167 2.49 -6.27 -2.83
N ASN B 168 1.73 -6.66 -1.81
CA ASN B 168 1.94 -7.93 -1.14
C ASN B 168 1.93 -9.10 -2.17
N VAL B 169 0.92 -9.12 -3.02
CA VAL B 169 0.83 -10.12 -4.07
C VAL B 169 2.12 -10.27 -4.86
N ARG B 170 2.69 -9.14 -5.22
CA ARG B 170 3.92 -9.14 -5.97
C ARG B 170 5.11 -9.63 -5.13
N TYR B 171 5.23 -9.15 -3.90
CA TYR B 171 6.38 -9.56 -3.09
C TYR B 171 6.32 -11.01 -2.75
N MET B 172 5.11 -11.50 -2.56
CA MET B 172 4.90 -12.92 -2.25
C MET B 172 5.15 -13.80 -3.50
N ALA B 173 4.61 -13.38 -4.64
CA ALA B 173 4.85 -14.08 -5.89
C ALA B 173 6.36 -14.24 -6.08
N ASN B 174 7.07 -13.13 -6.01
CA ASN B 174 8.49 -13.18 -6.22
C ASN B 174 9.14 -14.14 -5.24
N ALA B 175 8.79 -14.06 -3.97
CA ALA B 175 9.37 -14.94 -2.96
C ALA B 175 9.07 -16.44 -3.11
N MET B 176 7.85 -16.77 -3.54
CA MET B 176 7.43 -18.16 -3.57
C MET B 176 7.43 -18.87 -4.93
N GLY B 177 7.59 -18.13 -6.01
CA GLY B 177 7.52 -18.77 -7.31
C GLY B 177 8.56 -19.91 -7.43
N PRO B 178 9.78 -19.65 -6.99
CA PRO B 178 10.84 -20.62 -7.11
C PRO B 178 10.57 -21.95 -6.45
N GLU B 179 9.59 -22.01 -5.58
CA GLU B 179 9.30 -23.29 -4.94
C GLU B 179 7.97 -23.89 -5.47
N GLY B 180 7.43 -23.31 -6.52
CA GLY B 180 6.24 -23.87 -7.10
C GLY B 180 4.96 -23.10 -6.81
N VAL B 181 5.05 -22.01 -6.07
CA VAL B 181 3.83 -21.26 -5.73
C VAL B 181 3.56 -20.02 -6.56
N ARG B 182 2.32 -19.89 -7.02
CA ARG B 182 1.87 -18.73 -7.77
C ARG B 182 0.94 -17.92 -6.88
N VAL B 183 0.98 -16.60 -7.04
CA VAL B 183 0.19 -15.68 -6.22
C VAL B 183 -0.40 -14.55 -7.06
N ASN B 184 -1.71 -14.42 -7.05
CA ASN B 184 -2.33 -13.35 -7.82
C ASN B 184 -3.48 -12.75 -7.04
N ALA B 185 -4.06 -11.70 -7.61
CA ALA B 185 -5.21 -11.04 -7.05
C ALA B 185 -6.21 -10.76 -8.13
N ILE B 186 -7.47 -10.75 -7.74
CA ILE B 186 -8.51 -10.38 -8.65
C ILE B 186 -9.00 -9.09 -8.11
N SER B 187 -9.06 -8.07 -8.98
CA SER B 187 -9.59 -6.76 -8.64
C SER B 187 -11.00 -6.75 -9.24
N ALA B 188 -12.00 -6.96 -8.40
CA ALA B 188 -13.36 -7.08 -8.87
C ALA B 188 -14.16 -5.79 -8.80
N GLY B 189 -15.22 -5.72 -9.58
CA GLY B 189 -16.02 -4.53 -9.59
C GLY B 189 -16.91 -4.62 -8.38
N PRO B 190 -17.63 -3.54 -8.14
CA PRO B 190 -18.58 -3.50 -7.02
C PRO B 190 -19.67 -4.48 -7.41
N ILE B 191 -20.02 -5.36 -6.52
CA ILE B 191 -21.01 -6.36 -6.84
C ILE B 191 -22.42 -5.94 -6.43
N ARG B 192 -23.37 -6.09 -7.32
CA ARG B 192 -24.70 -5.68 -6.95
C ARG B 192 -25.34 -6.56 -5.91
N THR B 193 -25.57 -5.96 -4.76
CA THR B 193 -26.17 -6.66 -3.71
C THR B 193 -27.31 -5.91 -3.01
N LEU B 194 -28.06 -6.66 -2.21
CA LEU B 194 -29.18 -6.14 -1.48
C LEU B 194 -28.73 -5.63 -0.12
N ALA B 195 -27.83 -6.38 0.50
CA ALA B 195 -27.32 -6.05 1.84
C ALA B 195 -26.94 -4.59 1.91
N ALA B 196 -26.22 -4.22 2.97
CA ALA B 196 -25.79 -2.84 3.13
C ALA B 196 -24.27 -2.76 3.33
N SER B 197 -23.63 -1.80 2.68
CA SER B 197 -22.19 -1.69 2.75
C SER B 197 -21.61 -0.84 3.83
N GLY B 198 -20.28 -0.88 3.84
CA GLY B 198 -19.44 -0.03 4.66
C GLY B 198 -19.20 1.18 3.77
N ILE B 199 -18.85 0.94 2.49
CA ILE B 199 -18.66 2.06 1.57
C ILE B 199 -19.95 2.88 1.54
N LYS B 200 -19.83 4.13 1.89
CA LYS B 200 -20.94 5.04 1.93
C LYS B 200 -21.26 5.37 0.49
N ASP B 201 -22.56 5.43 0.20
CA ASP B 201 -23.05 5.73 -1.15
C ASP B 201 -22.72 4.61 -2.18
N PHE B 202 -22.67 3.39 -1.68
CA PHE B 202 -22.37 2.21 -2.54
C PHE B 202 -23.42 2.04 -3.59
N ARG B 203 -24.68 2.20 -3.21
CA ARG B 203 -25.82 2.06 -4.14
C ARG B 203 -25.62 2.87 -5.41
N LYS B 204 -25.11 4.09 -5.25
CA LYS B 204 -24.84 4.97 -6.37
C LYS B 204 -23.70 4.40 -7.21
N MET B 205 -22.63 4.03 -6.51
CA MET B 205 -21.46 3.42 -7.14
C MET B 205 -21.93 2.33 -8.12
N LEU B 206 -22.82 1.48 -7.67
CA LEU B 206 -23.36 0.40 -8.50
C LEU B 206 -24.07 0.93 -9.70
N ALA B 207 -24.90 1.95 -9.48
CA ALA B 207 -25.70 2.56 -10.53
C ALA B 207 -24.87 3.16 -11.67
N HIS B 208 -23.93 3.98 -11.30
CA HIS B 208 -23.05 4.66 -12.21
C HIS B 208 -22.24 3.63 -12.99
N CYS B 209 -21.69 2.68 -12.26
CA CYS B 209 -20.89 1.62 -12.86
C CYS B 209 -21.56 0.90 -13.99
N GLU B 210 -22.84 0.58 -13.83
CA GLU B 210 -23.55 -0.20 -14.83
C GLU B 210 -23.73 0.57 -16.09
N ALA B 211 -23.94 1.86 -15.93
CA ALA B 211 -24.17 2.75 -17.06
C ALA B 211 -22.96 2.95 -17.91
N VAL B 212 -21.79 3.02 -17.29
CA VAL B 212 -20.55 3.35 -17.99
C VAL B 212 -19.57 2.22 -18.15
N THR B 213 -20.01 1.02 -17.83
CA THR B 213 -19.16 -0.13 -17.99
C THR B 213 -19.39 -0.66 -19.39
N PRO B 214 -18.30 -1.00 -20.06
CA PRO B 214 -18.32 -1.47 -21.44
C PRO B 214 -19.29 -2.61 -21.68
N ILE B 215 -19.35 -3.55 -20.74
CA ILE B 215 -20.28 -4.65 -20.85
C ILE B 215 -21.68 -4.22 -20.41
N ARG B 216 -21.77 -3.02 -19.87
CA ARG B 216 -23.05 -2.48 -19.46
C ARG B 216 -23.72 -3.24 -18.35
N ARG B 217 -22.95 -3.71 -17.39
CA ARG B 217 -23.57 -4.38 -16.27
C ARG B 217 -22.53 -4.55 -15.21
N THR B 218 -22.96 -4.79 -13.98
CA THR B 218 -22.00 -5.05 -12.93
C THR B 218 -21.73 -6.55 -13.03
N VAL B 219 -20.63 -7.00 -12.42
CA VAL B 219 -20.28 -8.38 -12.47
C VAL B 219 -20.95 -9.06 -11.32
N THR B 220 -20.81 -10.36 -11.32
CA THR B 220 -21.47 -11.16 -10.34
C THR B 220 -20.47 -11.99 -9.61
N ILE B 221 -20.92 -12.60 -8.53
CA ILE B 221 -20.01 -13.44 -7.81
C ILE B 221 -19.70 -14.65 -8.68
N GLU B 222 -20.56 -14.91 -9.66
CA GLU B 222 -20.34 -16.01 -10.59
C GLU B 222 -19.15 -15.64 -11.44
N ASP B 223 -19.26 -14.48 -12.08
CA ASP B 223 -18.18 -13.91 -12.86
C ASP B 223 -16.89 -14.01 -12.02
N VAL B 224 -16.93 -13.45 -10.83
CA VAL B 224 -15.73 -13.52 -10.00
C VAL B 224 -15.28 -14.93 -9.65
N GLY B 225 -16.22 -15.82 -9.38
CA GLY B 225 -15.83 -17.17 -8.99
C GLY B 225 -15.19 -17.95 -10.11
N ASN B 226 -15.65 -17.68 -11.31
CA ASN B 226 -15.12 -18.38 -12.45
C ASN B 226 -13.70 -18.00 -12.72
N SER B 227 -13.39 -16.73 -12.53
CA SER B 227 -12.03 -16.29 -12.72
C SER B 227 -11.10 -16.88 -11.63
N ALA B 228 -11.59 -16.90 -10.39
CA ALA B 228 -10.76 -17.38 -9.29
C ALA B 228 -10.40 -18.85 -9.49
N ALA B 229 -11.38 -19.63 -9.96
CA ALA B 229 -11.17 -21.05 -10.17
C ALA B 229 -10.10 -21.26 -11.22
N PHE B 230 -10.15 -20.44 -12.26
CA PHE B 230 -9.16 -20.53 -13.32
C PHE B 230 -7.81 -20.19 -12.75
N LEU B 231 -7.78 -19.07 -12.04
CA LEU B 231 -6.55 -18.56 -11.47
C LEU B 231 -5.99 -19.49 -10.42
N CYS B 232 -6.79 -20.43 -9.95
CA CYS B 232 -6.25 -21.34 -8.97
C CYS B 232 -5.94 -22.67 -9.58
N SER B 233 -6.29 -22.84 -10.85
CA SER B 233 -6.04 -24.10 -11.56
C SER B 233 -4.72 -24.10 -12.31
N ASP B 234 -4.31 -25.28 -12.72
CA ASP B 234 -3.07 -25.43 -13.46
C ASP B 234 -3.17 -24.77 -14.83
N LEU B 235 -4.39 -24.42 -15.23
CA LEU B 235 -4.61 -23.75 -16.51
C LEU B 235 -3.94 -22.37 -16.52
N SER B 236 -3.58 -21.87 -15.34
CA SER B 236 -3.01 -20.51 -15.21
C SER B 236 -1.54 -20.53 -14.82
N ALA B 237 -0.92 -21.66 -15.03
CA ALA B 237 0.45 -21.88 -14.69
C ALA B 237 1.41 -20.77 -15.08
N GLY B 238 1.07 -20.02 -16.11
CA GLY B 238 1.96 -18.99 -16.65
C GLY B 238 1.75 -17.62 -16.06
N ILE B 239 0.75 -17.54 -15.18
CA ILE B 239 0.36 -16.31 -14.54
C ILE B 239 0.69 -16.29 -13.06
N SER B 240 1.45 -15.30 -12.63
CA SER B 240 1.78 -15.12 -11.23
C SER B 240 2.11 -13.66 -10.93
N GLY B 241 1.73 -13.20 -9.76
CA GLY B 241 2.03 -11.83 -9.34
C GLY B 241 1.15 -10.83 -10.06
N GLU B 242 0.05 -11.31 -10.59
CA GLU B 242 -0.83 -10.49 -11.36
C GLU B 242 -2.12 -10.01 -10.62
N VAL B 243 -2.57 -8.82 -10.96
CA VAL B 243 -3.83 -8.27 -10.46
C VAL B 243 -4.78 -8.22 -11.65
N VAL B 244 -5.63 -9.23 -11.79
CA VAL B 244 -6.56 -9.31 -12.92
C VAL B 244 -7.86 -8.53 -12.64
N HIS B 245 -8.18 -7.61 -13.54
CA HIS B 245 -9.38 -6.82 -13.36
C HIS B 245 -10.60 -7.51 -13.90
N VAL B 246 -11.47 -7.85 -12.99
CA VAL B 246 -12.71 -8.50 -13.33
C VAL B 246 -13.74 -7.44 -12.97
N ASP B 247 -13.96 -6.55 -13.91
CA ASP B 247 -14.90 -5.46 -13.68
C ASP B 247 -15.57 -5.05 -14.96
N GLY B 248 -15.59 -5.97 -15.91
CA GLY B 248 -16.25 -5.70 -17.16
C GLY B 248 -15.73 -4.50 -17.92
N GLY B 249 -14.49 -4.11 -17.66
CA GLY B 249 -13.83 -3.02 -18.40
C GLY B 249 -14.00 -1.63 -17.81
N PHE B 250 -14.62 -1.55 -16.63
CA PHE B 250 -14.84 -0.25 -16.05
C PHE B 250 -13.59 0.62 -15.96
N SER B 251 -12.52 0.05 -15.40
CA SER B 251 -11.22 0.75 -15.23
C SER B 251 -10.59 1.27 -16.55
N ILE B 252 -10.85 0.62 -17.67
CA ILE B 252 -10.17 1.06 -18.87
C ILE B 252 -10.89 2.14 -19.63
N ALA B 253 -12.09 2.49 -19.18
CA ALA B 253 -12.82 3.58 -19.86
C ALA B 253 -12.76 4.89 -19.13
N ALA B 254 -13.13 5.95 -19.83
CA ALA B 254 -13.14 7.28 -19.24
C ALA B 254 -14.06 8.24 -19.96
N MET B 255 -14.75 9.06 -19.16
CA MET B 255 -15.69 10.08 -19.64
C MET B 255 -16.80 9.52 -20.52
N ASN B 256 -17.07 8.23 -20.40
CA ASN B 256 -18.12 7.62 -21.16
C ASN B 256 -19.36 8.45 -20.94
N GLU B 257 -19.22 9.41 -20.03
CA GLU B 257 -20.26 10.39 -19.66
C GLU B 257 -20.23 10.52 -18.13
PA NAD C . 17.78 9.40 5.62
O1A NAD C . 18.08 8.29 6.65
O2A NAD C . 18.79 10.52 5.39
O5B NAD C . 16.36 10.08 5.93
C5B NAD C . 15.27 9.35 6.60
C4B NAD C . 14.83 10.16 7.68
O4B NAD C . 13.63 9.56 8.40
C3B NAD C . 15.84 10.49 8.83
O3B NAD C . 16.04 11.99 8.76
C2B NAD C . 15.19 10.06 10.16
O2B NAD C . 15.48 10.81 11.25
C1B NAD C . 13.68 10.09 9.66
N9A NAD C . 12.71 9.40 10.50
C8A NAD C . 12.60 8.07 10.85
N7A NAD C . 11.71 7.79 11.80
C5A NAD C . 11.19 8.96 12.17
C6A NAD C . 10.19 9.29 13.22
N6A NAD C . 9.61 8.46 14.00
N1A NAD C . 9.93 10.60 13.33
C2A NAD C . 10.51 11.54 12.62
N3A NAD C . 11.50 11.30 11.63
C4A NAD C . 11.79 9.99 11.40
O3 NAD C . 17.43 8.73 4.27
PN NAD C . 17.26 9.26 2.75
O1N NAD C . 18.11 8.43 1.92
O2N NAD C . 17.28 10.77 2.76
O5D NAD C . 15.76 8.84 2.56
C5D NAD C . 14.72 9.82 2.41
C4D NAD C . 13.53 9.14 1.94
O4D NAD C . 13.80 8.84 0.49
C3D NAD C . 13.29 7.66 2.47
O3D NAD C . 11.96 7.57 2.45
C2D NAD C . 13.87 6.68 1.44
O2D NAD C . 13.15 5.48 1.42
C1D NAD C . 13.55 7.52 0.23
N1N NAD C . 14.39 7.17 -0.96
C2N NAD C . 15.75 7.08 -0.84
C3N NAD C . 16.33 6.75 -2.05
C7N NAD C . 17.87 6.61 -1.94
O7N NAD C . 18.43 6.30 -2.98
N7N NAD C . 18.50 6.89 -0.75
C4N NAD C . 15.71 6.51 -3.26
C5N NAD C . 14.31 6.62 -3.19
C6N NAD C . 13.68 6.96 -2.06
C1 NDT D . 16.23 4.19 0.81
C4 NDT D . 14.84 4.10 0.63
C5 NDT D . 14.38 3.73 -0.62
C6 NDT D . 15.25 3.46 -1.67
C7 NDT D . 16.63 3.55 -1.49
C8 NDT D . 17.11 3.92 -0.24
C2 NDT D . 16.75 4.53 2.07
N1 NDT D . 15.95 4.76 3.11
N2 NDT D . 14.60 4.74 3.00
B1 NDT D . 13.87 4.39 1.81
O1 NDT D . 12.80 3.25 1.90
S1 NDT D . 13.83 4.71 4.54
O2 NDT D . 13.83 6.07 5.09
O3 NDT D . 12.43 4.37 4.36
C15 NDT D . 14.11 3.41 5.52
C16 NDT D . 14.50 3.48 6.84
C17 NDT D . 14.99 2.38 7.50
C18 NDT D . 15.11 1.19 6.81
C19 NDT D . 14.73 1.10 5.47
C20 NDT D . 14.22 2.21 4.83
C21 NDT D . 16.02 0.09 7.42
PA NAD E . -18.08 -10.19 3.06
O1A NAD E . -18.36 -9.11 4.12
O2A NAD E . -19.19 -11.12 2.58
O5B NAD E . -16.88 -11.06 3.59
C5B NAD E . -15.68 -10.49 4.25
C4B NAD E . -15.23 -11.54 5.13
O4B NAD E . -14.07 -11.12 5.90
C3B NAD E . -16.23 -12.04 6.23
O3B NAD E . -16.50 -13.47 5.97
C2B NAD E . -15.53 -11.80 7.59
O2B NAD E . -15.82 -12.57 8.66
C1B NAD E . -14.10 -11.84 7.08
N9A NAD E . -13.16 -11.24 8.02
C8A NAD E . -13.09 -9.96 8.56
N7A NAD E . -12.24 -9.79 9.54
C5A NAD E . -11.74 -11.00 9.78
C6A NAD E . -10.75 -11.45 10.78
N6A NAD E . -10.17 -10.71 11.69
N1A NAD E . -10.43 -12.75 10.63
C2A NAD E . -10.94 -13.56 9.76
N3A NAD E . -11.87 -13.20 8.78
C4A NAD E . -12.26 -11.91 8.81
O3 NAD E . -17.34 -9.57 1.84
PN NAD E . -17.39 -9.60 0.19
O1N NAD E . -18.32 -8.58 -0.25
O2N NAD E . -17.40 -11.04 -0.29
O5D NAD E . -15.90 -9.10 0.04
C5D NAD E . -14.80 -10.03 0.19
C4D NAD E . -13.56 -9.42 -0.19
O4D NAD E . -13.75 -8.98 -1.65
C3D NAD E . -13.16 -8.03 0.50
O3D NAD E . -11.85 -8.07 0.57
C2D NAD E . -13.68 -6.87 -0.41
O2D NAD E . -12.95 -5.75 -0.32
C1D NAD E . -13.51 -7.55 -1.75
N1N NAD E . -14.39 -7.00 -2.85
C2N NAD E . -15.76 -6.90 -2.75
C3N NAD E . -16.27 -6.30 -3.85
C7N NAD E . -17.80 -6.15 -3.78
O7N NAD E . -18.34 -5.56 -4.76
N7N NAD E . -18.44 -6.66 -2.72
C4N NAD E . -15.61 -5.76 -4.94
C5N NAD E . -14.25 -5.89 -4.87
C6N NAD E . -13.66 -6.51 -3.83
C1 NDT F . -16.22 -4.33 -0.59
C4 NDT F . -14.86 -4.18 -0.79
C5 NDT F . -14.47 -3.50 -1.92
C6 NDT F . -15.41 -2.98 -2.85
C7 NDT F . -16.78 -3.21 -2.65
C8 NDT F . -17.17 -3.86 -1.51
C2 NDT F . -16.63 -4.92 0.58
N1 NDT F . -15.81 -5.34 1.52
N2 NDT F . -14.51 -5.23 1.40
B1 NDT F . -13.84 -4.65 0.27
O1 NDT F . -12.94 -3.35 0.44
S1 NDT F . -13.83 -5.30 2.94
O2 NDT F . -14.05 -6.59 3.48
O3 NDT F . -12.40 -5.13 2.83
C15 NDT F . -14.31 -4.18 4.09
C16 NDT F . -14.94 -4.56 5.23
C17 NDT F . -15.59 -3.67 6.07
C18 NDT F . -15.59 -2.34 5.79
C19 NDT F . -14.98 -1.92 4.64
C20 NDT F . -14.34 -2.82 3.81
C21 NDT F . -16.00 -1.36 6.93
#